data_3H82
#
_entry.id   3H82
#
_cell.length_a   40.889
_cell.length_b   70.280
_cell.length_c   42.348
_cell.angle_alpha   90.00
_cell.angle_beta   108.68
_cell.angle_gamma   90.00
#
_symmetry.space_group_name_H-M   'P 1 21 1'
#
loop_
_entity.id
_entity.type
_entity.pdbx_description
1 polymer 'Aryl hydrocarbon receptor nuclear translocator'
2 polymer 'Endothelial PAS domain-containing protein 1'
3 non-polymer N-(furan-2-ylmethyl)-2-nitro-4-(trifluoromethyl)aniline
4 water water
#
loop_
_entity_poly.entity_id
_entity_poly.type
_entity_poly.pdbx_seq_one_letter_code
_entity_poly.pdbx_strand_id
1 'polypeptide(L)'
;GEFKGLNVCQPTRFISRHNIEGIFTFVDHRCVATVGYQPQELLGKNIVEFCHPEDQQLLRDSFQQVVKLKGQVLSVMFRF
RSKNQEWLWMRTSSFTFQNPYSDEIEYIICTNTNVKNSSQE
;
B
2 'polypeptide(L)'
;GEFKGLDSKTFLSEHSMDMKFTYCDDRITELIGYHPEELLGRSAYEFYHALDSENMTKSHQNLCTKGQVVSGQYRMLAKH
GGYVWLETQGTVIYNPRNLQPQCIMCVNYVLSEIEKN
;
A
#
# COMPACT_ATOMS: atom_id res chain seq x y z
N LEU A 6 -5.65 -14.68 18.48
CA LEU A 6 -6.18 -13.59 19.38
C LEU A 6 -6.64 -12.37 18.57
N ASN A 7 -7.85 -11.90 18.87
CA ASN A 7 -8.33 -10.62 18.35
C ASN A 7 -7.66 -9.48 19.08
N VAL A 8 -7.32 -8.46 18.31
CA VAL A 8 -6.57 -7.32 18.79
C VAL A 8 -7.31 -6.12 18.19
N CYS A 9 -7.17 -4.96 18.82
CA CYS A 9 -7.78 -3.75 18.27
C CYS A 9 -6.97 -3.30 17.04
N GLN A 10 -7.63 -3.33 15.89
CA GLN A 10 -7.03 -2.91 14.63
C GLN A 10 -6.89 -1.40 14.62
N PRO A 11 -5.70 -0.88 14.31
CA PRO A 11 -5.56 0.59 14.11
C PRO A 11 -6.43 1.02 12.94
N THR A 12 -6.90 2.25 12.99
N THR A 12 -6.98 2.22 13.00
CA THR A 12 -7.71 2.76 11.92
CA THR A 12 -7.73 2.70 11.84
C THR A 12 -6.79 3.44 10.88
C THR A 12 -6.74 3.36 10.90
N ARG A 13 -6.81 2.94 9.65
CA ARG A 13 -5.87 3.40 8.62
C ARG A 13 -6.40 3.21 7.22
N PHE A 14 -5.84 4.00 6.32
CA PHE A 14 -6.14 3.86 4.90
C PHE A 14 -4.95 4.17 4.07
N ILE A 15 -4.95 3.61 2.88
CA ILE A 15 -3.87 3.83 1.92
C ILE A 15 -4.30 4.94 0.95
N SER A 16 -3.30 5.73 0.55
CA SER A 16 -3.53 6.71 -0.53
C SER A 16 -2.30 6.74 -1.44
N ARG A 17 -2.50 7.21 -2.67
CA ARG A 17 -1.38 7.47 -3.60
C ARG A 17 -1.42 8.95 -3.91
N HIS A 18 -0.24 9.52 -4.16
CA HIS A 18 -0.07 10.95 -4.39
C HIS A 18 0.92 11.18 -5.53
N ASN A 19 0.69 12.25 -6.27
CA ASN A 19 1.81 12.73 -7.07
C ASN A 19 2.86 13.37 -6.12
N ILE A 20 4.05 13.71 -6.64
CA ILE A 20 5.13 14.23 -5.82
C ILE A 20 4.83 15.56 -5.12
N GLU A 21 3.89 16.30 -5.71
CA GLU A 21 3.45 17.63 -5.23
C GLU A 21 2.55 17.40 -3.98
N GLY A 22 1.97 16.20 -3.91
CA GLY A 22 1.04 15.82 -2.80
C GLY A 22 -0.44 15.69 -3.11
N ILE A 23 -0.84 15.84 -4.36
CA ILE A 23 -2.21 15.66 -4.75
C ILE A 23 -2.63 14.18 -4.62
N PHE A 24 -3.75 13.91 -3.93
CA PHE A 24 -4.32 12.56 -3.89
C PHE A 24 -4.69 12.10 -5.28
N THR A 25 -4.12 10.97 -5.74
CA THR A 25 -4.57 10.34 -7.00
C THR A 25 -5.20 8.93 -6.83
N PHE A 26 -5.21 8.44 -5.59
CA PHE A 26 -6.01 7.27 -5.25
C PHE A 26 -6.23 7.33 -3.73
N VAL A 27 -7.44 6.95 -3.31
CA VAL A 27 -7.74 6.95 -1.88
C VAL A 27 -8.56 5.68 -1.59
N ASP A 28 -8.07 4.79 -0.72
CA ASP A 28 -8.80 3.61 -0.23
C ASP A 28 -10.01 4.02 0.61
N HIS A 29 -11.13 3.30 0.42
CA HIS A 29 -12.41 3.61 1.08
C HIS A 29 -12.38 3.50 2.58
N ARG A 30 -11.32 2.90 3.14
CA ARG A 30 -11.15 2.95 4.60
C ARG A 30 -10.98 4.39 5.08
N CYS A 31 -10.80 5.33 4.16
CA CYS A 31 -10.68 6.73 4.58
C CYS A 31 -11.98 7.21 5.29
N VAL A 32 -13.12 6.63 4.93
CA VAL A 32 -14.36 7.08 5.62
C VAL A 32 -14.30 6.76 7.11
N ALA A 33 -13.89 5.56 7.48
CA ALA A 33 -13.79 5.21 8.90
C ALA A 33 -12.63 5.95 9.57
N THR A 34 -11.61 6.34 8.80
CA THR A 34 -10.43 6.92 9.43
C THR A 34 -10.60 8.42 9.69
N VAL A 35 -11.06 9.14 8.66
CA VAL A 35 -11.05 10.62 8.69
C VAL A 35 -12.44 11.20 8.32
N GLY A 36 -13.37 10.35 7.87
CA GLY A 36 -14.80 10.70 7.68
C GLY A 36 -15.13 11.23 6.29
N TYR A 37 -14.12 11.32 5.42
CA TYR A 37 -14.35 11.79 4.05
C TYR A 37 -14.61 10.62 3.15
N GLN A 38 -15.45 10.87 2.12
CA GLN A 38 -15.52 9.92 1.03
C GLN A 38 -14.27 10.08 0.18
N PRO A 39 -13.84 8.96 -0.51
CA PRO A 39 -12.62 9.17 -1.34
C PRO A 39 -12.65 10.32 -2.32
N GLN A 40 -13.80 10.52 -2.97
N GLN A 40 -13.81 10.50 -2.97
CA GLN A 40 -13.89 11.59 -3.97
CA GLN A 40 -13.94 11.57 -3.95
C GLN A 40 -13.87 12.99 -3.34
C GLN A 40 -13.78 12.96 -3.33
N GLU A 41 -13.97 13.09 -2.00
CA GLU A 41 -13.74 14.39 -1.36
C GLU A 41 -12.23 14.73 -1.23
N LEU A 42 -11.37 13.67 -1.28
CA LEU A 42 -9.94 13.90 -1.17
C LEU A 42 -9.27 13.89 -2.52
N LEU A 43 -9.73 12.98 -3.40
CA LEU A 43 -9.12 12.92 -4.76
C LEU A 43 -9.00 14.27 -5.44
N GLY A 44 -7.83 14.56 -5.99
CA GLY A 44 -7.63 15.81 -6.70
C GLY A 44 -7.20 16.95 -5.84
N LYS A 45 -7.27 16.77 -4.50
CA LYS A 45 -6.81 17.82 -3.61
C LYS A 45 -5.43 17.49 -3.06
N ASN A 46 -4.69 18.49 -2.60
CA ASN A 46 -3.39 18.27 -1.99
C ASN A 46 -3.59 17.91 -0.53
N ILE A 47 -2.87 16.89 -0.06
CA ILE A 47 -3.02 16.49 1.34
C ILE A 47 -2.63 17.65 2.28
N VAL A 48 -1.74 18.58 1.88
CA VAL A 48 -1.43 19.72 2.75
C VAL A 48 -2.69 20.56 3.09
N GLU A 49 -3.72 20.55 2.21
CA GLU A 49 -4.97 21.31 2.48
C GLU A 49 -5.69 20.81 3.73
N PHE A 50 -5.41 19.56 4.10
CA PHE A 50 -6.08 18.92 5.26
C PHE A 50 -5.16 18.91 6.47
N CYS A 51 -3.98 19.53 6.36
CA CYS A 51 -2.95 19.52 7.38
C CYS A 51 -3.03 20.77 8.26
N HIS A 52 -2.87 20.59 9.56
CA HIS A 52 -2.82 21.74 10.52
C HIS A 52 -1.80 22.78 10.04
N PRO A 53 -2.14 24.06 10.12
CA PRO A 53 -1.15 25.07 9.75
C PRO A 53 0.22 24.95 10.35
N GLU A 54 0.32 24.52 11.60
CA GLU A 54 1.60 24.39 12.26
C GLU A 54 2.44 23.23 11.71
N ASP A 55 1.77 22.29 11.02
CA ASP A 55 2.43 21.10 10.51
C ASP A 55 2.61 21.13 8.98
N GLN A 56 2.11 22.17 8.29
CA GLN A 56 2.16 22.16 6.82
C GLN A 56 3.59 22.18 6.24
N GLN A 57 4.51 22.91 6.86
CA GLN A 57 5.88 22.89 6.35
C GLN A 57 6.51 21.54 6.55
N LEU A 58 6.30 20.95 7.73
CA LEU A 58 6.85 19.62 7.99
C LEU A 58 6.34 18.63 6.95
N LEU A 59 5.05 18.72 6.59
CA LEU A 59 4.48 17.77 5.66
C LEU A 59 4.99 18.01 4.23
N ARG A 60 5.11 19.27 3.83
CA ARG A 60 5.68 19.57 2.50
C ARG A 60 7.12 19.08 2.47
N ASP A 61 7.86 19.28 3.55
CA ASP A 61 9.26 18.79 3.63
C ASP A 61 9.35 17.27 3.51
N SER A 62 8.32 16.57 3.99
CA SER A 62 8.29 15.11 3.92
C SER A 62 8.19 14.67 2.46
N PHE A 63 7.50 15.41 1.61
CA PHE A 63 7.37 14.99 0.20
C PHE A 63 8.70 15.02 -0.49
N GLN A 64 9.47 16.08 -0.22
CA GLN A 64 10.78 16.17 -0.82
C GLN A 64 11.70 15.09 -0.28
N GLN A 65 11.59 14.82 1.02
CA GLN A 65 12.45 13.82 1.64
C GLN A 65 12.12 12.42 1.11
N VAL A 66 10.82 12.14 0.95
CA VAL A 66 10.50 10.82 0.45
C VAL A 66 11.03 10.57 -0.98
N VAL A 67 11.08 11.61 -1.79
CA VAL A 67 11.59 11.48 -3.16
C VAL A 67 13.09 11.18 -3.05
N LYS A 68 13.77 11.91 -2.18
CA LYS A 68 15.24 11.74 -2.00
C LYS A 68 15.60 10.32 -1.53
N LEU A 69 14.65 9.68 -0.85
CA LEU A 69 14.83 8.35 -0.35
C LEU A 69 14.71 7.25 -1.42
N LYS A 70 14.21 7.62 -2.61
CA LYS A 70 14.33 6.76 -3.79
C LYS A 70 13.79 5.39 -3.51
N GLY A 71 12.62 5.34 -2.86
CA GLY A 71 11.97 4.07 -2.59
C GLY A 71 11.88 3.58 -1.17
N GLN A 72 12.70 4.19 -0.30
N GLN A 72 12.71 4.10 -0.26
CA GLN A 72 12.74 3.91 1.12
CA GLN A 72 12.58 3.69 1.11
C GLN A 72 11.55 4.58 1.87
C GLN A 72 11.51 4.51 1.84
N VAL A 73 11.16 4.01 3.01
CA VAL A 73 9.99 4.55 3.77
C VAL A 73 10.36 5.69 4.72
N LEU A 74 9.53 6.74 4.65
CA LEU A 74 9.60 7.95 5.51
C LEU A 74 8.33 7.97 6.37
N SER A 75 8.47 8.29 7.65
N SER A 75 8.48 8.26 7.65
CA SER A 75 7.30 8.34 8.55
CA SER A 75 7.30 8.45 8.46
C SER A 75 7.18 9.75 9.13
C SER A 75 7.22 9.89 8.90
N VAL A 76 5.99 10.35 9.05
CA VAL A 76 5.77 11.72 9.52
C VAL A 76 4.48 11.71 10.35
N MET A 77 4.46 12.48 11.43
N MET A 77 4.48 12.48 11.42
CA MET A 77 3.26 12.57 12.27
CA MET A 77 3.33 12.63 12.30
C MET A 77 2.73 13.98 12.22
C MET A 77 2.77 14.03 12.07
N PHE A 78 1.47 14.15 11.86
CA PHE A 78 0.91 15.49 11.70
C PHE A 78 -0.59 15.45 12.05
N ARG A 79 -1.19 16.63 12.13
CA ARG A 79 -2.63 16.73 12.48
C ARG A 79 -3.45 16.93 11.25
N PHE A 80 -4.45 16.06 11.05
CA PHE A 80 -5.25 16.03 9.82
C PHE A 80 -6.66 16.45 10.19
N ARG A 81 -7.25 17.37 9.41
CA ARG A 81 -8.59 17.83 9.75
C ARG A 81 -9.62 16.83 9.27
N SER A 82 -10.31 16.23 10.24
CA SER A 82 -11.32 15.25 9.87
C SER A 82 -12.57 15.94 9.26
N LYS A 83 -13.47 15.11 8.73
CA LYS A 83 -14.72 15.62 8.14
C LYS A 83 -15.49 16.43 9.18
N ASN A 84 -15.42 15.96 10.43
CA ASN A 84 -16.11 16.65 11.51
C ASN A 84 -15.29 17.81 12.10
N GLN A 85 -14.27 18.30 11.38
CA GLN A 85 -13.54 19.52 11.75
C GLN A 85 -12.75 19.42 13.04
N GLU A 86 -12.28 18.20 13.30
CA GLU A 86 -11.44 17.93 14.46
C GLU A 86 -10.03 17.52 14.00
N TRP A 87 -9.03 17.92 14.75
CA TRP A 87 -7.64 17.60 14.38
C TRP A 87 -7.34 16.19 14.89
N LEU A 88 -7.02 15.28 13.96
CA LEU A 88 -6.67 13.89 14.31
C LEU A 88 -5.18 13.70 14.07
N TRP A 89 -4.49 13.07 15.02
CA TRP A 89 -3.07 12.75 14.83
C TRP A 89 -2.95 11.61 13.84
N MET A 90 -2.20 11.87 12.78
N MET A 90 -2.21 11.89 12.79
CA MET A 90 -2.04 10.91 11.67
CA MET A 90 -1.99 10.92 11.74
C MET A 90 -0.56 10.58 11.47
C MET A 90 -0.52 10.56 11.71
N ARG A 91 -0.22 9.28 11.54
CA ARG A 91 1.14 8.90 11.20
C ARG A 91 1.07 8.41 9.74
N THR A 92 1.78 9.07 8.86
CA THR A 92 1.80 8.68 7.46
C THR A 92 3.15 8.07 7.17
N SER A 93 3.13 6.83 6.65
CA SER A 93 4.35 6.19 6.22
C SER A 93 4.32 6.11 4.72
N SER A 94 5.35 6.65 4.05
CA SER A 94 5.28 6.77 2.62
C SER A 94 6.58 6.44 1.91
N PHE A 95 6.44 6.02 0.65
CA PHE A 95 7.61 5.70 -0.15
C PHE A 95 7.28 5.90 -1.59
N THR A 96 8.29 6.14 -2.40
CA THR A 96 8.05 6.34 -3.85
C THR A 96 8.08 5.00 -4.56
N PHE A 97 7.37 5.00 -5.71
CA PHE A 97 7.39 3.79 -6.57
C PHE A 97 7.31 4.18 -8.01
N GLN A 98 8.00 3.38 -8.83
CA GLN A 98 8.00 3.48 -10.30
C GLN A 98 8.01 2.00 -10.73
N ASN A 99 7.14 1.60 -11.67
CA ASN A 99 7.27 0.25 -12.22
C ASN A 99 8.71 0.08 -12.76
N PRO A 100 9.43 -0.95 -12.34
CA PRO A 100 10.84 -1.04 -12.74
C PRO A 100 11.08 -1.26 -14.26
N TYR A 101 10.05 -1.65 -14.97
CA TYR A 101 10.16 -1.81 -16.43
C TYR A 101 9.96 -0.48 -17.14
N SER A 102 9.85 0.60 -16.38
CA SER A 102 9.51 1.87 -16.95
C SER A 102 10.35 2.98 -16.34
N ASP A 103 10.29 4.12 -17.01
CA ASP A 103 10.78 5.37 -16.45
C ASP A 103 9.65 6.42 -16.27
N GLU A 104 8.43 5.99 -16.00
N GLU A 104 8.45 5.94 -15.94
CA GLU A 104 7.39 6.98 -15.72
CA GLU A 104 7.31 6.78 -15.51
C GLU A 104 7.72 7.69 -14.39
C GLU A 104 7.74 7.68 -14.33
N ILE A 105 7.19 8.91 -14.21
CA ILE A 105 7.48 9.70 -12.99
C ILE A 105 6.99 8.88 -11.80
N GLU A 106 7.85 8.81 -10.80
CA GLU A 106 7.50 8.13 -9.56
C GLU A 106 6.32 8.82 -8.88
N TYR A 107 5.53 7.97 -8.24
CA TYR A 107 4.45 8.47 -7.37
C TYR A 107 4.74 8.00 -5.96
N ILE A 108 3.92 8.48 -5.01
CA ILE A 108 4.14 8.21 -3.59
C ILE A 108 2.99 7.36 -3.05
N ILE A 109 3.32 6.25 -2.40
CA ILE A 109 2.30 5.40 -1.75
C ILE A 109 2.36 5.68 -0.26
N CYS A 110 1.20 6.03 0.33
CA CYS A 110 1.12 6.35 1.75
C CYS A 110 0.21 5.41 2.52
N THR A 111 0.61 5.06 3.74
CA THR A 111 -0.30 4.38 4.66
C THR A 111 -0.55 5.39 5.77
N ASN A 112 -1.80 5.74 6.02
CA ASN A 112 -2.19 6.81 6.93
C ASN A 112 -2.95 6.27 8.11
N THR A 113 -2.38 6.33 9.33
CA THR A 113 -2.99 5.69 10.49
C THR A 113 -3.32 6.76 11.54
N ASN A 114 -4.55 6.73 12.08
CA ASN A 114 -4.83 7.61 13.24
C ASN A 114 -4.16 7.01 14.47
N VAL A 115 -3.23 7.75 15.07
CA VAL A 115 -2.47 7.26 16.24
C VAL A 115 -2.60 8.24 17.43
N LYS A 116 -2.15 7.82 18.62
CA LYS A 116 -2.14 8.70 19.78
C LYS A 116 -0.85 9.51 19.73
N ASN A 117 -0.93 10.74 20.19
CA ASN A 117 0.25 11.62 20.27
C ASN A 117 -0.12 12.85 21.08
N SER A 118 0.89 13.56 21.57
CA SER A 118 0.69 14.87 22.20
C SER A 118 1.42 15.98 21.42
N GLU B 2 -5.52 -6.35 -25.31
CA GLU B 2 -4.32 -7.20 -25.04
C GLU B 2 -3.31 -6.34 -24.29
N PHE B 3 -2.51 -5.55 -25.02
CA PHE B 3 -1.57 -4.58 -24.39
C PHE B 3 -2.31 -3.69 -23.40
N LYS B 4 -1.78 -3.58 -22.20
CA LYS B 4 -2.38 -2.72 -21.21
C LYS B 4 -1.35 -1.76 -20.70
N GLY B 5 -1.84 -0.62 -20.25
CA GLY B 5 -1.04 0.44 -19.73
C GLY B 5 -0.58 0.13 -18.31
N LEU B 6 0.67 0.83 -17.72
CA LEU B 6 1.32 0.41 -16.49
C LEU B 6 0.30 0.43 -15.36
N ASP B 7 -0.56 1.46 -15.34
CA ASP B 7 -1.45 1.64 -14.18
C ASP B 7 -2.29 0.40 -14.04
N SER B 8 -2.75 -0.12 -15.18
N SER B 8 -2.78 -0.12 -15.16
CA SER B 8 -3.70 -1.24 -15.17
CA SER B 8 -3.71 -1.23 -15.08
C SER B 8 -3.07 -2.60 -14.83
C SER B 8 -3.06 -2.53 -14.60
N LYS B 9 -1.74 -2.63 -14.79
CA LYS B 9 -1.04 -3.89 -14.49
C LYS B 9 -0.52 -3.99 -13.06
N THR B 10 -0.79 -2.97 -12.25
CA THR B 10 -0.34 -3.01 -10.86
C THR B 10 -1.57 -3.05 -9.99
N PHE B 11 -1.45 -3.77 -8.87
CA PHE B 11 -2.46 -3.65 -7.83
C PHE B 11 -1.76 -3.57 -6.46
N LEU B 12 -2.31 -2.73 -5.60
CA LEU B 12 -1.78 -2.54 -4.24
C LEU B 12 -2.53 -3.49 -3.30
N SER B 13 -1.76 -4.09 -2.38
CA SER B 13 -2.41 -4.91 -1.31
C SER B 13 -1.75 -4.57 0.03
N GLU B 14 -2.55 -4.72 1.09
CA GLU B 14 -2.04 -4.60 2.46
C GLU B 14 -2.32 -5.94 3.15
N HIS B 15 -1.36 -6.28 4.01
CA HIS B 15 -1.43 -7.54 4.73
C HIS B 15 -1.09 -7.32 6.17
N SER B 16 -1.72 -8.13 7.01
CA SER B 16 -1.18 -8.18 8.39
C SER B 16 0.19 -8.89 8.36
N MET B 17 0.88 -8.90 9.49
CA MET B 17 2.25 -9.41 9.45
C MET B 17 2.38 -10.92 9.10
N ASP B 18 1.31 -11.70 9.29
CA ASP B 18 1.21 -13.13 8.87
C ASP B 18 0.91 -13.36 7.36
N MET B 19 0.76 -12.26 6.63
CA MET B 19 0.47 -12.28 5.20
C MET B 19 -1.04 -12.39 4.83
N LYS B 20 -1.94 -12.31 5.82
CA LYS B 20 -3.38 -12.29 5.53
C LYS B 20 -3.75 -10.94 4.91
N PHE B 21 -4.51 -10.96 3.81
CA PHE B 21 -4.95 -9.71 3.18
C PHE B 21 -5.79 -8.88 4.14
N THR B 22 -5.44 -7.58 4.27
CA THR B 22 -6.31 -6.64 4.94
C THR B 22 -6.95 -5.62 3.97
N TYR B 23 -6.38 -5.53 2.78
CA TYR B 23 -6.91 -4.60 1.77
C TYR B 23 -6.34 -5.08 0.40
N CYS B 24 -7.13 -4.89 -0.66
CA CYS B 24 -6.62 -5.09 -2.01
C CYS B 24 -7.36 -4.16 -2.95
N ASP B 25 -6.65 -3.50 -3.86
CA ASP B 25 -7.39 -2.63 -4.77
C ASP B 25 -8.06 -3.36 -5.91
N ASP B 26 -9.04 -2.67 -6.49
CA ASP B 26 -9.93 -3.29 -7.45
C ASP B 26 -9.24 -3.62 -8.75
N ARG B 27 -8.01 -3.12 -8.99
CA ARG B 27 -7.33 -3.46 -10.23
C ARG B 27 -7.06 -4.96 -10.37
N ILE B 28 -7.07 -5.69 -9.25
CA ILE B 28 -6.82 -7.15 -9.32
C ILE B 28 -7.90 -7.87 -10.18
N THR B 29 -9.09 -7.31 -10.23
CA THR B 29 -10.21 -8.05 -10.84
C THR B 29 -9.98 -8.26 -12.32
N GLU B 30 -9.59 -7.23 -13.04
CA GLU B 30 -9.36 -7.42 -14.47
C GLU B 30 -8.03 -8.10 -14.81
N LEU B 31 -7.18 -8.34 -13.83
CA LEU B 31 -5.89 -8.97 -14.08
C LEU B 31 -5.96 -10.43 -13.74
N ILE B 32 -6.68 -10.77 -12.66
CA ILE B 32 -6.88 -12.17 -12.41
C ILE B 32 -8.10 -12.66 -11.72
N GLY B 33 -9.14 -11.89 -11.74
CA GLY B 33 -10.44 -12.41 -11.60
C GLY B 33 -11.04 -12.22 -10.25
N TYR B 34 -10.22 -12.10 -9.19
CA TYR B 34 -10.77 -11.91 -7.85
C TYR B 34 -11.34 -10.55 -7.62
N HIS B 35 -12.39 -10.53 -6.79
CA HIS B 35 -12.86 -9.31 -6.17
C HIS B 35 -12.18 -9.13 -4.80
N PRO B 36 -11.72 -7.89 -4.49
CA PRO B 36 -11.04 -7.72 -3.19
C PRO B 36 -11.80 -8.31 -1.98
N GLU B 37 -13.14 -8.14 -1.99
CA GLU B 37 -13.94 -8.62 -0.83
C GLU B 37 -13.67 -10.09 -0.54
N GLU B 38 -13.48 -10.87 -1.59
CA GLU B 38 -13.29 -12.31 -1.39
C GLU B 38 -11.89 -12.70 -0.92
N LEU B 39 -10.91 -11.78 -1.05
CA LEU B 39 -9.57 -12.01 -0.56
C LEU B 39 -9.35 -11.69 0.95
N LEU B 40 -10.21 -10.82 1.49
CA LEU B 40 -9.94 -10.29 2.84
C LEU B 40 -9.93 -11.41 3.85
N GLY B 41 -8.91 -11.43 4.70
CA GLY B 41 -8.86 -12.39 5.79
C GLY B 41 -8.24 -13.71 5.37
N ARG B 42 -7.91 -13.84 4.09
N ARG B 42 -7.93 -13.84 4.09
CA ARG B 42 -7.24 -15.05 3.61
CA ARG B 42 -8.09 -15.02 1.59
CA ARG B 42 -7.21 -15.01 3.60
C ARG B 42 -5.75 -14.84 3.40
C ARG B 42 -5.72 -14.81 3.46
N SER B 43 -5.00 -15.91 3.60
CA SER B 43 -3.61 -15.89 3.55
C SER B 43 -3.13 -15.68 2.11
N ALA B 44 -2.08 -14.90 1.98
CA ALA B 44 -1.37 -14.79 0.70
C ALA B 44 -1.07 -16.18 0.13
N TYR B 45 -0.74 -17.13 1.01
CA TYR B 45 -0.33 -18.47 0.52
C TYR B 45 -1.39 -19.15 -0.32
N GLU B 46 -2.65 -18.90 -0.04
CA GLU B 46 -3.74 -19.47 -0.83
C GLU B 46 -3.60 -19.19 -2.30
N PHE B 47 -2.91 -18.08 -2.63
CA PHE B 47 -2.88 -17.65 -4.03
C PHE B 47 -1.51 -17.82 -4.66
N TYR B 48 -0.57 -18.33 -3.90
CA TYR B 48 0.75 -18.67 -4.44
C TYR B 48 0.69 -20.02 -5.12
N HIS B 49 1.33 -20.10 -6.29
CA HIS B 49 1.35 -21.37 -7.04
C HIS B 49 2.12 -22.38 -6.20
N ALA B 50 1.70 -23.66 -6.23
CA ALA B 50 2.48 -24.67 -5.50
C ALA B 50 4.02 -24.60 -5.66
N LEU B 51 4.47 -24.33 -6.87
CA LEU B 51 5.93 -24.37 -7.12
C LEU B 51 6.70 -23.19 -6.57
N ASP B 52 5.97 -22.17 -6.13
CA ASP B 52 6.63 -20.97 -5.60
C ASP B 52 6.45 -20.77 -4.08
N SER B 53 5.53 -21.56 -3.49
CA SER B 53 5.12 -21.35 -2.09
C SER B 53 6.31 -21.27 -1.15
N GLU B 54 7.24 -22.24 -1.26
CA GLU B 54 8.41 -22.22 -0.39
C GLU B 54 9.31 -21.01 -0.63
N ASN B 55 9.49 -20.61 -1.90
CA ASN B 55 10.28 -19.41 -2.19
C ASN B 55 9.66 -18.11 -1.66
N MET B 56 8.33 -18.08 -1.62
CA MET B 56 7.63 -16.97 -1.02
C MET B 56 7.85 -16.91 0.48
N THR B 57 7.88 -18.09 1.12
CA THR B 57 8.22 -18.11 2.55
C THR B 57 9.55 -17.42 2.83
N LYS B 58 10.55 -17.76 2.03
CA LYS B 58 11.85 -17.16 2.10
C LYS B 58 11.90 -15.65 1.86
N SER B 59 11.21 -15.19 0.81
CA SER B 59 11.10 -13.74 0.59
C SER B 59 10.43 -13.02 1.77
N HIS B 60 9.41 -13.65 2.35
CA HIS B 60 8.70 -13.07 3.48
C HIS B 60 9.69 -12.91 4.64
N GLN B 61 10.58 -13.89 4.84
CA GLN B 61 11.59 -13.79 5.93
C GLN B 61 12.52 -12.63 5.68
N ASN B 62 12.92 -12.47 4.41
CA ASN B 62 13.79 -11.37 4.11
C ASN B 62 13.10 -10.02 4.25
N LEU B 63 11.83 -9.99 3.90
CA LEU B 63 11.03 -8.79 4.06
C LEU B 63 10.99 -8.36 5.54
N CYS B 64 10.80 -9.34 6.42
CA CYS B 64 10.66 -8.98 7.86
C CYS B 64 12.00 -8.57 8.50
N THR B 65 13.12 -9.12 8.02
N THR B 65 13.07 -9.09 7.92
CA THR B 65 14.41 -8.64 8.56
CA THR B 65 14.41 -8.85 8.42
C THR B 65 14.86 -7.32 7.99
C THR B 65 15.10 -7.58 7.87
N LYS B 66 14.73 -7.17 6.68
CA LYS B 66 15.29 -6.03 6.05
C LYS B 66 14.30 -4.87 6.07
N GLY B 67 13.01 -5.19 6.10
CA GLY B 67 11.97 -4.16 6.08
C GLY B 67 11.39 -3.91 4.68
N GLN B 68 12.06 -4.41 3.65
CA GLN B 68 11.61 -4.26 2.25
C GLN B 68 12.16 -5.45 1.51
N VAL B 69 11.48 -5.84 0.43
CA VAL B 69 12.00 -6.95 -0.38
C VAL B 69 11.45 -6.78 -1.77
N VAL B 70 12.18 -7.25 -2.76
CA VAL B 70 11.59 -7.50 -4.07
C VAL B 70 11.51 -9.02 -4.22
N SER B 71 10.32 -9.52 -4.55
CA SER B 71 10.16 -10.94 -4.67
C SER B 71 10.95 -11.44 -5.91
N GLY B 72 11.09 -12.75 -6.05
CA GLY B 72 11.46 -13.21 -7.40
C GLY B 72 10.23 -13.08 -8.32
N GLN B 73 10.36 -13.56 -9.56
CA GLN B 73 9.18 -13.82 -10.36
C GLN B 73 8.45 -14.97 -9.76
N TYR B 74 7.16 -14.80 -9.53
CA TYR B 74 6.37 -15.95 -9.03
C TYR B 74 4.99 -15.99 -9.69
N ARG B 75 4.23 -17.04 -9.38
CA ARG B 75 2.94 -17.22 -10.03
C ARG B 75 1.83 -17.05 -9.00
N MET B 76 0.84 -16.23 -9.36
CA MET B 76 -0.32 -16.10 -8.54
C MET B 76 -1.47 -16.85 -9.22
N LEU B 77 -2.16 -17.70 -8.46
CA LEU B 77 -3.27 -18.48 -9.00
C LEU B 77 -4.43 -17.61 -9.37
N ALA B 78 -4.93 -17.73 -10.59
CA ALA B 78 -6.01 -16.89 -11.05
C ALA B 78 -7.37 -17.50 -10.62
N LYS B 79 -8.43 -16.69 -10.59
N LYS B 79 -8.42 -16.71 -10.51
CA LYS B 79 -9.74 -17.04 -9.99
CA LYS B 79 -9.63 -17.25 -9.90
C LYS B 79 -10.41 -18.24 -10.67
C LYS B 79 -10.15 -18.47 -10.63
N HIS B 80 -10.17 -18.38 -11.97
CA HIS B 80 -10.81 -19.44 -12.78
C HIS B 80 -9.83 -20.46 -13.29
N GLY B 81 -8.67 -20.53 -12.64
CA GLY B 81 -7.68 -21.54 -12.99
C GLY B 81 -6.51 -20.88 -13.73
N GLY B 82 -5.40 -21.62 -13.78
CA GLY B 82 -4.18 -21.05 -14.35
C GLY B 82 -3.58 -20.03 -13.38
N TYR B 83 -2.71 -19.20 -13.91
CA TYR B 83 -1.94 -18.30 -13.01
C TYR B 83 -1.44 -17.14 -13.86
N VAL B 84 -1.09 -16.03 -13.20
N VAL B 84 -0.96 -16.12 -13.17
CA VAL B 84 -0.26 -15.03 -13.86
CA VAL B 84 -0.34 -14.98 -13.81
C VAL B 84 1.11 -14.97 -13.19
C VAL B 84 1.04 -14.78 -13.15
N TRP B 85 2.10 -14.56 -13.96
CA TRP B 85 3.42 -14.29 -13.39
C TRP B 85 3.39 -12.88 -12.84
N LEU B 86 3.94 -12.75 -11.63
CA LEU B 86 3.91 -11.48 -10.87
C LEU B 86 5.31 -11.17 -10.31
N GLU B 87 5.56 -9.91 -9.99
CA GLU B 87 6.63 -9.56 -9.07
C GLU B 87 5.99 -8.59 -8.10
N THR B 88 6.51 -8.60 -6.87
CA THR B 88 5.99 -7.79 -5.79
C THR B 88 7.13 -7.08 -5.08
N GLN B 89 6.91 -5.78 -4.82
CA GLN B 89 7.81 -5.03 -3.94
C GLN B 89 7.07 -4.92 -2.60
N GLY B 90 7.63 -5.52 -1.53
CA GLY B 90 6.97 -5.46 -0.23
C GLY B 90 7.67 -4.47 0.72
N THR B 91 6.90 -3.81 1.55
CA THR B 91 7.45 -2.79 2.50
C THR B 91 6.79 -2.99 3.84
N VAL B 92 7.55 -3.21 4.93
CA VAL B 92 6.94 -3.26 6.25
C VAL B 92 6.73 -1.85 6.78
N ILE B 93 5.53 -1.64 7.33
CA ILE B 93 5.20 -0.35 7.95
C ILE B 93 5.36 -0.50 9.47
N TYR B 94 6.24 0.35 10.03
CA TYR B 94 6.57 0.31 11.46
C TYR B 94 6.00 1.50 12.19
N ASN B 95 5.81 1.28 13.47
CA ASN B 95 5.61 2.32 14.44
C ASN B 95 6.97 2.82 14.88
N PRO B 96 7.32 4.08 14.54
CA PRO B 96 8.64 4.59 14.90
C PRO B 96 8.86 4.74 16.42
N ARG B 97 7.78 4.83 17.20
CA ARG B 97 7.93 5.01 18.67
C ARG B 97 8.49 3.75 19.34
N ASN B 98 8.15 2.58 18.81
CA ASN B 98 8.59 1.31 19.42
C ASN B 98 9.23 0.29 18.45
N LEU B 99 9.34 0.69 17.17
CA LEU B 99 9.94 -0.14 16.08
C LEU B 99 9.15 -1.42 15.81
N GLN B 100 7.90 -1.47 16.27
CA GLN B 100 7.06 -2.66 16.10
C GLN B 100 6.41 -2.65 14.70
N PRO B 101 6.37 -3.81 14.03
CA PRO B 101 5.72 -3.90 12.71
C PRO B 101 4.21 -3.85 12.80
N GLN B 102 3.61 -3.07 11.89
CA GLN B 102 2.16 -2.83 11.89
C GLN B 102 1.46 -3.63 10.78
N CYS B 103 2.06 -3.66 9.60
CA CYS B 103 1.46 -4.29 8.40
C CYS B 103 2.50 -4.26 7.30
N ILE B 104 2.15 -5.00 6.23
CA ILE B 104 2.97 -5.10 5.05
C ILE B 104 2.19 -4.42 3.90
N MET B 105 2.91 -3.56 3.19
N MET B 105 2.83 -3.51 3.19
CA MET B 105 2.41 -2.96 1.97
CA MET B 105 2.19 -2.95 2.01
C MET B 105 3.03 -3.69 0.81
C MET B 105 2.93 -3.43 0.77
N CYS B 106 2.19 -4.07 -0.15
CA CYS B 106 2.72 -4.72 -1.35
C CYS B 106 2.29 -3.95 -2.62
N VAL B 107 3.28 -3.72 -3.49
CA VAL B 107 3.01 -3.20 -4.83
C VAL B 107 3.27 -4.37 -5.77
N ASN B 108 2.18 -4.92 -6.36
CA ASN B 108 2.20 -6.15 -7.17
C ASN B 108 2.04 -5.72 -8.63
N TYR B 109 2.94 -6.18 -9.51
CA TYR B 109 2.79 -5.86 -10.93
C TYR B 109 2.91 -7.13 -11.75
N VAL B 110 2.01 -7.25 -12.70
N VAL B 110 1.99 -7.25 -12.69
CA VAL B 110 1.82 -8.50 -13.45
CA VAL B 110 1.93 -8.43 -13.52
C VAL B 110 2.74 -8.54 -14.69
C VAL B 110 3.06 -8.50 -14.52
N LEU B 111 3.37 -9.72 -14.93
CA LEU B 111 4.40 -9.91 -15.92
C LEU B 111 3.94 -10.79 -17.11
N SER B 112 2.73 -11.32 -17.00
CA SER B 112 2.18 -12.11 -18.09
C SER B 112 0.65 -12.07 -18.11
N GLU B 113 0.06 -12.55 -19.21
CA GLU B 113 -1.35 -12.86 -19.22
C GLU B 113 -1.58 -14.15 -18.40
N ILE B 114 -2.84 -14.54 -18.24
CA ILE B 114 -3.13 -15.78 -17.56
C ILE B 114 -2.62 -16.96 -18.43
N GLU B 115 -1.89 -17.87 -17.80
CA GLU B 115 -1.29 -19.06 -18.46
C GLU B 115 -1.79 -20.32 -17.75
N LYS B 116 -1.71 -21.48 -18.43
CA LYS B 116 -2.22 -22.76 -17.85
C LYS B 116 -1.10 -23.67 -17.37
#